data_4OI0
#
_entry.id   4OI0
#
_cell.length_a   100.710
_cell.length_b   100.710
_cell.length_c   40.400
_cell.angle_alpha   90.00
_cell.angle_beta   90.00
_cell.angle_gamma   120.00
#
_symmetry.space_group_name_H-M   'P 31'
#
loop_
_entity.id
_entity.type
_entity.pdbx_description
1 polymer 'Protein clpf-1'
2 polymer "RNA (5'-R(*GP*C)-3')"
3 non-polymer "ADENOSINE-5'-DIPHOSPHATE"
4 non-polymer 'MAGNESIUM ION'
5 non-polymer 'TETRAFLUOROALUMINATE ION'
6 non-polymer SARCOSINE
7 non-polymer 'NONAETHYLENE GLYCOL'
8 water water
#
loop_
_entity_poly.entity_id
_entity_poly.type
_entity_poly.pdbx_seq_one_letter_code
_entity_poly.pdbx_strand_id
1 'polypeptide(L)'
;GSHMSEENVQEFVLKEDCELRFAAGDDSDVCLELVKGYAEIFGTELLLNKKYTFPAKSRVAAFTWKGATIELVGTTESAY
VAESTPMVIYLNIHAAMEEVRKKREEQAAGNSNKAKGPRLLLVGPTDVGKTTVSRILCNYSVRQGRTPIFVELDVGQNSV
SVPGTVAAVLVQKTADVIDGFERNQPIVFNFGHTSPSANLSLYEALFKEMATTLNAQIQENDEAKIGGMIINTCGWVDGE
GYKCIVKAASAFEVDVVIVLDHERLYSDLSKELPEFVRLTHVPKSGGVEQRTGQIRSKMRGENVHRYFYGTRANNLYPFT
FDVSFDDVTLCKIGAEQLPDSCLPFGMEVENHETKLVIMEPSADIKHHLFAFSRSTKADENVLKSPVFGFCLVTEVDLEK
RTMSILCPQRTIPSKVLVFSDITHLDDQIKR
;
A
2 'polyribonucleotide' GC B
#
loop_
_chem_comp.id
_chem_comp.type
_chem_comp.name
_chem_comp.formula
2PE non-polymer 'NONAETHYLENE GLYCOL' 'C18 H38 O10'
ADP non-polymer ADENOSINE-5'-DIPHOSPHATE 'C10 H15 N5 O10 P2'
ALF non-polymer 'TETRAFLUOROALUMINATE ION' 'Al F4 -1'
C RNA linking CYTIDINE-5'-MONOPHOSPHATE 'C9 H14 N3 O8 P'
G RNA linking GUANOSINE-5'-MONOPHOSPHATE 'C10 H14 N5 O8 P'
MG non-polymer 'MAGNESIUM ION' 'Mg 2'
#
# COMPACT_ATOMS: atom_id res chain seq x y z
N GLU A 7 -6.91 -2.59 31.74
CA GLU A 7 -7.43 -2.99 33.08
C GLU A 7 -8.46 -4.16 33.02
N ASN A 8 -9.51 -4.00 32.21
CA ASN A 8 -10.45 -5.09 31.92
C ASN A 8 -9.73 -6.15 31.06
N VAL A 9 -10.02 -7.42 31.30
CA VAL A 9 -9.33 -8.51 30.60
C VAL A 9 -10.32 -9.47 29.93
N GLN A 10 -9.98 -9.87 28.73
CA GLN A 10 -10.77 -10.82 27.96
C GLN A 10 -9.86 -11.96 27.49
N GLU A 11 -10.32 -13.20 27.70
CA GLU A 11 -9.54 -14.38 27.32
C GLU A 11 -10.30 -15.16 26.24
N PHE A 12 -9.58 -15.66 25.25
CA PHE A 12 -10.21 -16.33 24.10
C PHE A 12 -9.47 -17.62 23.76
N VAL A 13 -10.23 -18.70 23.57
CA VAL A 13 -9.70 -19.95 23.05
C VAL A 13 -10.10 -20.06 21.59
N LEU A 14 -9.10 -20.10 20.70
CA LEU A 14 -9.32 -20.25 19.26
C LEU A 14 -9.02 -21.68 18.84
N LYS A 15 -10.02 -22.38 18.31
CA LYS A 15 -9.80 -23.67 17.66
C LYS A 15 -8.95 -23.44 16.43
N GLU A 16 -8.39 -24.50 15.88
CA GLU A 16 -7.70 -24.43 14.60
C GLU A 16 -8.57 -23.73 13.55
N ASP A 17 -7.92 -22.98 12.66
CA ASP A 17 -8.60 -22.31 11.55
C ASP A 17 -9.66 -21.29 11.99
N CYS A 18 -9.52 -20.71 13.20
CA CYS A 18 -10.41 -19.66 13.68
C CYS A 18 -9.63 -18.37 13.84
N GLU A 19 -10.33 -17.23 13.81
CA GLU A 19 -9.68 -15.95 14.09
C GLU A 19 -10.48 -15.07 15.06
N LEU A 20 -9.74 -14.48 15.99
CA LEU A 20 -10.24 -13.46 16.89
C LEU A 20 -10.26 -12.14 16.14
N ARG A 21 -11.43 -11.51 16.06
CA ARG A 21 -11.58 -10.20 15.47
C ARG A 21 -12.02 -9.22 16.52
N PHE A 22 -11.33 -8.10 16.62
CA PHE A 22 -11.70 -7.08 17.59
C PHE A 22 -11.40 -5.68 17.10
N ALA A 23 -12.03 -4.70 17.78
CA ALA A 23 -11.73 -3.31 17.55
C ALA A 23 -11.51 -2.67 18.91
N ALA A 24 -10.38 -1.96 19.05
CA ALA A 24 -10.12 -1.21 20.27
C ALA A 24 -11.16 -0.12 20.40
N GLY A 25 -11.45 0.28 21.64
CA GLY A 25 -12.44 1.31 21.89
C GLY A 25 -12.05 2.64 21.28
N ASP A 26 -13.00 3.56 21.17
CA ASP A 26 -12.73 4.90 20.68
C ASP A 26 -11.64 5.58 21.52
N ASP A 27 -11.75 5.41 22.84
CA ASP A 27 -10.92 6.16 23.79
C ASP A 27 -9.64 5.47 24.28
N SER A 28 -9.49 4.16 24.08
CA SER A 28 -8.38 3.45 24.73
C SER A 28 -7.60 2.51 23.82
N ASP A 29 -6.42 2.13 24.28
CA ASP A 29 -5.59 1.11 23.63
C ASP A 29 -6.09 -0.27 24.01
N VAL A 30 -5.82 -1.25 23.15
CA VAL A 30 -6.01 -2.66 23.49
C VAL A 30 -4.71 -3.41 23.29
N CYS A 31 -4.26 -4.07 24.35
CA CYS A 31 -3.06 -4.89 24.30
C CYS A 31 -3.42 -6.37 24.10
N LEU A 32 -2.79 -6.98 23.10
CA LEU A 32 -2.99 -8.37 22.73
C LEU A 32 -1.78 -9.22 23.09
N GLU A 33 -2.02 -10.38 23.68
CA GLU A 33 -0.94 -11.31 24.00
C GLU A 33 -1.34 -12.75 23.69
N LEU A 34 -0.54 -13.38 22.82
CA LEU A 34 -0.62 -14.83 22.61
C LEU A 34 -0.03 -15.53 23.83
N VAL A 35 -0.80 -16.38 24.49
CA VAL A 35 -0.33 -17.07 25.70
C VAL A 35 -0.22 -18.59 25.57
N LYS A 36 -0.76 -19.15 24.50
CA LYS A 36 -0.54 -20.56 24.16
C LYS A 36 -0.70 -20.76 22.65
N GLY A 37 0.11 -21.64 22.08
CA GLY A 37 -0.02 -22.00 20.66
C GLY A 37 0.68 -21.05 19.69
N TYR A 38 0.14 -20.99 18.48
CA TYR A 38 0.67 -20.15 17.40
C TYR A 38 -0.47 -19.36 16.77
N ALA A 39 -0.12 -18.16 16.31
CA ALA A 39 -1.07 -17.28 15.65
C ALA A 39 -0.32 -16.27 14.80
N GLU A 40 -1.07 -15.61 13.95
CA GLU A 40 -0.52 -14.60 13.04
C GLU A 40 -1.56 -13.54 12.81
N ILE A 41 -1.11 -12.33 12.51
CA ILE A 41 -2.01 -11.23 12.19
C ILE A 41 -1.68 -10.79 10.77
N PHE A 42 -2.65 -10.94 9.88
CA PHE A 42 -2.48 -10.74 8.43
C PHE A 42 -1.14 -11.23 7.90
N GLY A 43 -0.77 -12.44 8.29
CA GLY A 43 0.40 -13.13 7.74
C GLY A 43 1.67 -13.05 8.54
N THR A 44 1.75 -12.13 9.50
CA THR A 44 2.91 -12.02 10.37
C THR A 44 2.74 -12.84 11.63
N GLU A 45 3.71 -13.69 11.94
CA GLU A 45 3.60 -14.55 13.10
C GLU A 45 3.70 -13.73 14.39
N LEU A 46 2.85 -14.03 15.37
CA LEU A 46 2.97 -13.48 16.70
C LEU A 46 3.96 -14.28 17.53
N LEU A 47 4.71 -13.58 18.38
CA LEU A 47 5.65 -14.22 19.30
CA LEU A 47 5.65 -14.23 19.30
C LEU A 47 4.95 -14.53 20.61
N LEU A 48 5.16 -15.72 21.14
CA LEU A 48 4.52 -16.16 22.38
C LEU A 48 4.82 -15.18 23.50
N ASN A 49 3.76 -14.73 24.17
CA ASN A 49 3.85 -13.86 25.36
C ASN A 49 4.31 -12.42 25.14
N LYS A 50 4.55 -12.01 23.89
CA LYS A 50 4.85 -10.61 23.62
C LYS A 50 3.56 -9.81 23.68
N LYS A 51 3.64 -8.64 24.29
CA LYS A 51 2.48 -7.76 24.41
C LYS A 51 2.46 -6.78 23.25
N TYR A 52 1.47 -6.91 22.36
CA TYR A 52 1.27 -6.03 21.22
C TYR A 52 0.19 -4.99 21.53
N THR A 53 0.60 -3.74 21.71
CA THR A 53 -0.32 -2.65 22.07
C THR A 53 -0.86 -1.99 20.80
N PHE A 54 -2.18 -2.11 20.61
CA PHE A 54 -2.86 -1.52 19.47
C PHE A 54 -3.56 -0.26 19.91
N PRO A 55 -3.51 0.80 19.09
CA PRO A 55 -4.17 2.05 19.49
C PRO A 55 -5.68 2.05 19.21
N ALA A 56 -6.38 3.01 19.82
CA ALA A 56 -7.83 3.23 19.60
C ALA A 56 -8.24 3.15 18.12
N LYS A 57 -9.45 2.66 17.88
CA LYS A 57 -9.99 2.44 16.51
C LYS A 57 -9.38 1.25 15.76
N SER A 58 -8.24 0.72 16.20
CA SER A 58 -7.59 -0.38 15.50
C SER A 58 -8.59 -1.51 15.26
N ARG A 59 -8.58 -2.04 14.04
CA ARG A 59 -9.35 -3.24 13.68
C ARG A 59 -8.34 -4.32 13.35
N VAL A 60 -8.50 -5.49 13.97
CA VAL A 60 -7.48 -6.52 13.99
C VAL A 60 -8.06 -7.94 13.91
N ALA A 61 -7.37 -8.81 13.19
CA ALA A 61 -7.74 -10.20 13.11
C ALA A 61 -6.49 -10.99 13.36
N ALA A 62 -6.54 -11.86 14.38
CA ALA A 62 -5.49 -12.82 14.67
C ALA A 62 -6.03 -14.21 14.36
N PHE A 63 -5.28 -14.96 13.55
CA PHE A 63 -5.71 -16.23 13.01
C PHE A 63 -4.73 -17.28 13.45
N THR A 64 -5.19 -18.51 13.53
CA THR A 64 -4.35 -19.60 13.92
C THR A 64 -4.69 -20.82 13.10
N TRP A 65 -3.64 -21.48 12.59
CA TRP A 65 -3.76 -22.71 11.84
C TRP A 65 -4.00 -23.94 12.74
N LYS A 66 -3.27 -24.02 13.86
CA LYS A 66 -3.39 -25.20 14.75
C LYS A 66 -4.17 -24.97 16.07
N GLY A 67 -4.39 -23.72 16.45
CA GLY A 67 -5.10 -23.40 17.69
C GLY A 67 -4.30 -22.52 18.64
N ALA A 68 -5.00 -21.69 19.41
CA ALA A 68 -4.39 -20.67 20.23
C ALA A 68 -5.27 -20.21 21.38
N THR A 69 -4.63 -19.70 22.42
CA THR A 69 -5.28 -18.95 23.50
C THR A 69 -4.69 -17.55 23.50
N ILE A 70 -5.56 -16.55 23.52
CA ILE A 70 -5.15 -15.16 23.39
C ILE A 70 -5.84 -14.27 24.43
N GLU A 71 -5.04 -13.39 25.04
CA GLU A 71 -5.53 -12.43 26.02
C GLU A 71 -5.59 -11.03 25.41
N LEU A 72 -6.71 -10.32 25.66
CA LEU A 72 -6.82 -8.89 25.40
C LEU A 72 -6.98 -8.12 26.71
N VAL A 73 -6.13 -7.09 26.89
CA VAL A 73 -6.18 -6.21 28.03
C VAL A 73 -6.57 -4.83 27.50
N GLY A 74 -7.74 -4.36 27.91
CA GLY A 74 -8.26 -3.04 27.51
C GLY A 74 -9.69 -3.09 27.00
N THR A 75 -10.33 -1.93 26.93
CA THR A 75 -11.69 -1.81 26.41
C THR A 75 -11.75 -2.04 24.92
N THR A 76 -12.62 -2.95 24.50
CA THR A 76 -12.85 -3.20 23.09
C THR A 76 -14.28 -2.81 22.74
N GLU A 77 -14.46 -2.34 21.51
CA GLU A 77 -15.80 -2.03 21.01
C GLU A 77 -16.51 -3.33 20.66
N SER A 78 -15.72 -4.25 20.10
CA SER A 78 -16.18 -5.56 19.68
C SER A 78 -15.04 -6.57 19.85
N ALA A 79 -15.36 -7.84 20.05
CA ALA A 79 -14.34 -8.91 20.09
C ALA A 79 -15.04 -10.25 20.02
N TYR A 80 -14.75 -11.02 18.99
CA TYR A 80 -15.31 -12.36 18.80
C TYR A 80 -14.41 -13.28 17.98
N VAL A 81 -14.61 -14.58 18.14
CA VAL A 81 -13.89 -15.60 17.40
C VAL A 81 -14.75 -16.04 16.21
N ALA A 82 -14.25 -15.85 14.98
CA ALA A 82 -14.92 -16.39 13.77
C ALA A 82 -14.32 -17.73 13.39
N GLU A 83 -15.14 -18.63 12.87
CA GLU A 83 -14.73 -20.04 12.66
C GLU A 83 -14.64 -20.45 11.20
N SER A 84 -15.04 -19.57 10.29
CA SER A 84 -15.10 -19.94 8.90
C SER A 84 -14.60 -18.82 7.99
N THR A 85 -13.28 -18.70 7.91
CA THR A 85 -12.63 -17.66 7.13
C THR A 85 -12.20 -18.23 5.77
N PRO A 86 -11.73 -17.36 4.84
CA PRO A 86 -11.11 -17.82 3.60
C PRO A 86 -9.59 -17.92 3.69
N MET A 87 -9.04 -18.06 4.90
CA MET A 87 -7.60 -18.09 5.05
C MET A 87 -6.96 -19.23 4.27
N VAL A 88 -7.64 -20.36 4.19
CA VAL A 88 -7.10 -21.49 3.46
C VAL A 88 -6.98 -21.10 1.98
N ILE A 89 -8.03 -20.50 1.43
CA ILE A 89 -8.00 -20.01 0.06
C ILE A 89 -6.79 -19.12 -0.17
N TYR A 90 -6.59 -18.15 0.73
CA TYR A 90 -5.49 -17.20 0.58
C TYR A 90 -4.14 -17.91 0.71
N LEU A 91 -4.06 -18.95 1.54
CA LEU A 91 -2.83 -19.77 1.64
C LEU A 91 -2.56 -20.54 0.34
N ASN A 92 -3.61 -21.12 -0.26
CA ASN A 92 -3.45 -21.91 -1.50
C ASN A 92 -3.00 -21.05 -2.68
N ILE A 93 -3.40 -19.77 -2.68
CA ILE A 93 -2.91 -18.81 -3.68
C ILE A 93 -1.39 -18.63 -3.56
N HIS A 94 -0.91 -18.54 -2.31
CA HIS A 94 0.53 -18.41 -2.08
C HIS A 94 1.24 -19.69 -2.51
N ALA A 95 0.70 -20.85 -2.12
CA ALA A 95 1.27 -22.17 -2.48
C ALA A 95 1.42 -22.30 -3.98
N ALA A 96 0.37 -21.95 -4.72
CA ALA A 96 0.37 -22.07 -6.17
C ALA A 96 1.35 -21.09 -6.80
N MET A 97 1.46 -19.91 -6.21
CA MET A 97 2.46 -18.95 -6.65
C MET A 97 3.89 -19.49 -6.44
N GLU A 98 4.16 -20.08 -5.28
CA GLU A 98 5.50 -20.64 -5.03
C GLU A 98 5.79 -21.82 -5.94
N GLU A 99 4.75 -22.56 -6.34
CA GLU A 99 4.90 -23.63 -7.30
C GLU A 99 5.42 -23.12 -8.64
N VAL A 100 4.81 -22.04 -9.13
CA VAL A 100 5.25 -21.45 -10.39
C VAL A 100 6.73 -21.03 -10.31
N ARG A 101 7.15 -20.49 -9.17
CA ARG A 101 8.55 -20.09 -8.98
C ARG A 101 9.50 -21.27 -9.18
N LYS A 102 9.24 -22.35 -8.45
CA LYS A 102 10.06 -23.57 -8.53
C LYS A 102 10.11 -24.08 -9.95
N LYS A 103 8.93 -24.23 -10.56
CA LYS A 103 8.81 -24.63 -11.98
C LYS A 103 9.76 -23.86 -12.89
N ARG A 104 9.76 -22.54 -12.74
CA ARG A 104 10.58 -21.66 -13.57
C ARG A 104 12.04 -21.62 -13.14
N GLU A 105 12.32 -21.92 -11.88
CA GLU A 105 13.71 -22.08 -11.44
C GLU A 105 14.29 -23.33 -12.10
N GLU A 106 13.52 -24.41 -12.07
CA GLU A 106 13.95 -25.71 -12.60
C GLU A 106 14.04 -25.73 -14.11
N GLN A 107 13.33 -24.83 -14.78
CA GLN A 107 13.47 -24.66 -16.22
C GLN A 107 14.70 -23.83 -16.62
N ALA A 108 15.28 -23.10 -15.66
CA ALA A 108 16.34 -22.15 -15.96
C ALA A 108 17.72 -22.78 -15.80
N LYS A 114 17.80 -16.22 -15.95
CA LYS A 114 17.26 -16.28 -14.58
C LYS A 114 15.74 -16.34 -14.57
N ALA A 115 15.20 -17.07 -13.60
CA ALA A 115 13.76 -17.32 -13.51
C ALA A 115 12.97 -16.07 -13.13
N LYS A 116 11.96 -15.75 -13.94
CA LYS A 116 11.06 -14.64 -13.62
C LYS A 116 9.94 -15.14 -12.72
N GLY A 117 9.77 -14.48 -11.58
CA GLY A 117 8.75 -14.83 -10.62
C GLY A 117 7.36 -14.48 -11.11
N PRO A 118 6.34 -15.14 -10.56
CA PRO A 118 4.97 -14.93 -10.99
C PRO A 118 4.43 -13.59 -10.50
N ARG A 119 3.51 -13.02 -11.25
CA ARG A 119 2.98 -11.70 -10.97
C ARG A 119 1.48 -11.78 -10.83
N LEU A 120 1.00 -11.17 -9.75
CA LEU A 120 -0.34 -11.36 -9.31
C LEU A 120 -1.03 -10.01 -9.09
N LEU A 121 -2.21 -9.87 -9.68
CA LEU A 121 -3.05 -8.68 -9.59
C LEU A 121 -4.28 -8.97 -8.73
N LEU A 122 -4.45 -8.18 -7.67
CA LEU A 122 -5.62 -8.30 -6.80
C LEU A 122 -6.62 -7.20 -7.19
N VAL A 123 -7.84 -7.61 -7.56
CA VAL A 123 -8.90 -6.68 -7.98
C VAL A 123 -10.25 -6.98 -7.28
N GLY A 124 -11.15 -6.01 -7.35
CA GLY A 124 -12.44 -6.10 -6.68
C GLY A 124 -12.82 -4.73 -6.18
N PRO A 125 -14.05 -4.59 -5.72
CA PRO A 125 -14.50 -3.26 -5.32
C PRO A 125 -14.03 -2.87 -3.91
N THR A 126 -14.38 -1.66 -3.47
CA THR A 126 -14.03 -1.14 -2.15
C THR A 126 -14.36 -2.13 -1.01
N ASP A 127 -13.44 -2.26 -0.07
CA ASP A 127 -13.64 -3.02 1.17
C ASP A 127 -13.95 -4.49 0.97
N VAL A 128 -13.21 -5.13 0.07
CA VAL A 128 -13.30 -6.59 -0.09
C VAL A 128 -12.05 -7.26 0.47
N GLY A 129 -11.11 -6.46 0.97
CA GLY A 129 -9.89 -6.98 1.54
C GLY A 129 -8.70 -7.13 0.59
N LYS A 130 -8.65 -6.33 -0.49
CA LYS A 130 -7.53 -6.46 -1.44
C LYS A 130 -6.19 -6.15 -0.75
N THR A 131 -6.18 -5.08 0.04
CA THR A 131 -4.95 -4.63 0.72
C THR A 131 -4.50 -5.65 1.75
N THR A 132 -5.47 -6.17 2.50
CA THR A 132 -5.22 -7.16 3.53
C THR A 132 -4.70 -8.47 2.91
N VAL A 133 -5.36 -8.94 1.86
CA VAL A 133 -4.88 -10.13 1.15
C VAL A 133 -3.49 -9.89 0.53
N SER A 134 -3.23 -8.71 -0.01
CA SER A 134 -1.91 -8.41 -0.54
CA SER A 134 -1.91 -8.36 -0.54
C SER A 134 -0.86 -8.50 0.56
N ARG A 135 -1.22 -8.04 1.76
CA ARG A 135 -0.35 -8.12 2.93
C ARG A 135 -0.07 -9.56 3.35
N ILE A 136 -1.12 -10.36 3.44
CA ILE A 136 -0.98 -11.77 3.76
C ILE A 136 -0.06 -12.47 2.76
N LEU A 137 -0.30 -12.25 1.48
CA LEU A 137 0.49 -12.90 0.44
C LEU A 137 1.97 -12.46 0.49
N CYS A 138 2.22 -11.16 0.68
CA CYS A 138 3.60 -10.66 0.80
C CYS A 138 4.31 -11.34 1.95
N ASN A 139 3.66 -11.36 3.11
CA ASN A 139 4.20 -12.01 4.30
C ASN A 139 4.51 -13.48 4.11
N TYR A 140 3.59 -14.18 3.47
CA TYR A 140 3.74 -15.62 3.26
C TYR A 140 4.92 -15.88 2.33
N SER A 141 5.05 -15.05 1.30
CA SER A 141 6.24 -15.10 0.41
C SER A 141 7.56 -14.87 1.16
N VAL A 142 7.59 -13.90 2.07
CA VAL A 142 8.81 -13.63 2.86
C VAL A 142 9.14 -14.82 3.77
N ARG A 143 8.11 -15.38 4.40
CA ARG A 143 8.27 -16.56 5.28
C ARG A 143 8.71 -17.83 4.51
N GLN A 144 8.45 -17.85 3.20
CA GLN A 144 8.96 -18.88 2.29
C GLN A 144 10.42 -18.63 1.93
N GLY A 145 10.95 -17.47 2.27
CA GLY A 145 12.33 -17.12 1.95
C GLY A 145 12.48 -16.27 0.69
N ARG A 146 11.36 -15.79 0.17
CA ARG A 146 11.36 -15.01 -1.07
C ARG A 146 11.33 -13.54 -0.75
N THR A 147 11.71 -12.73 -1.73
CA THR A 147 11.61 -11.27 -1.66
C THR A 147 10.75 -10.78 -2.81
N PRO A 148 9.43 -10.72 -2.59
CA PRO A 148 8.58 -10.21 -3.67
C PRO A 148 8.56 -8.68 -3.70
N ILE A 149 8.18 -8.14 -4.84
CA ILE A 149 7.98 -6.71 -4.99
C ILE A 149 6.50 -6.46 -4.76
N PHE A 150 6.19 -5.55 -3.84
CA PHE A 150 4.82 -5.14 -3.61
C PHE A 150 4.56 -3.85 -4.36
N VAL A 151 3.53 -3.86 -5.21
CA VAL A 151 3.19 -2.75 -6.08
C VAL A 151 1.83 -2.19 -5.67
N GLU A 152 1.86 -0.93 -5.27
CA GLU A 152 0.67 -0.23 -4.81
C GLU A 152 0.16 0.75 -5.87
N LEU A 153 -0.99 0.44 -6.47
CA LEU A 153 -1.58 1.35 -7.46
C LEU A 153 -2.73 2.19 -6.88
N ASP A 154 -3.07 2.00 -5.61
CA ASP A 154 -4.18 2.72 -5.03
C ASP A 154 -3.69 4.08 -4.58
N VAL A 155 -4.03 5.10 -5.37
CA VAL A 155 -3.65 6.47 -5.07
C VAL A 155 -4.47 7.07 -3.93
N GLY A 156 -5.58 6.43 -3.55
CA GLY A 156 -6.38 6.88 -2.42
C GLY A 156 -5.92 6.29 -1.09
N GLN A 157 -6.04 4.98 -0.98
CA GLN A 157 -5.68 4.23 0.22
C GLN A 157 -4.36 3.49 -0.04
N ASN A 158 -3.25 4.13 0.32
CA ASN A 158 -1.92 3.76 -0.14
C ASN A 158 -1.09 3.29 1.04
N SER A 159 -0.56 2.07 0.98
CA SER A 159 0.15 1.48 2.11
C SER A 159 1.68 1.55 1.97
N VAL A 160 2.16 2.23 0.92
CA VAL A 160 3.59 2.34 0.66
C VAL A 160 4.08 3.78 0.85
N SER A 161 3.35 4.76 0.33
CA SER A 161 3.76 6.17 0.43
C SER A 161 2.53 7.04 0.77
N VAL A 162 2.61 8.34 0.52
CA VAL A 162 1.49 9.24 0.76
C VAL A 162 0.38 8.98 -0.28
N PRO A 163 -0.83 9.51 -0.03
CA PRO A 163 -1.86 9.46 -1.07
C PRO A 163 -1.47 10.29 -2.29
N GLY A 164 -2.03 9.92 -3.44
CA GLY A 164 -1.65 10.54 -4.70
C GLY A 164 -0.35 9.98 -5.24
N THR A 165 0.06 8.81 -4.77
CA THR A 165 1.20 8.14 -5.37
C THR A 165 0.86 6.76 -5.90
N VAL A 166 1.68 6.35 -6.86
CA VAL A 166 1.80 4.98 -7.34
C VAL A 166 3.22 4.53 -6.93
N ALA A 167 3.32 3.43 -6.21
CA ALA A 167 4.59 3.07 -5.56
C ALA A 167 4.86 1.56 -5.59
N ALA A 168 6.11 1.19 -5.36
CA ALA A 168 6.55 -0.21 -5.34
C ALA A 168 7.71 -0.38 -4.38
N VAL A 169 7.68 -1.44 -3.58
CA VAL A 169 8.75 -1.71 -2.65
C VAL A 169 9.15 -3.18 -2.64
N LEU A 170 10.44 -3.46 -2.53
CA LEU A 170 10.93 -4.84 -2.36
C LEU A 170 10.69 -5.24 -0.92
N VAL A 171 9.92 -6.29 -0.71
CA VAL A 171 9.56 -6.75 0.63
C VAL A 171 10.55 -7.83 1.08
N GLN A 172 11.36 -7.52 2.10
CA GLN A 172 12.34 -8.46 2.65
C GLN A 172 12.09 -8.90 4.09
N LYS A 173 11.10 -8.29 4.74
CA LYS A 173 10.73 -8.61 6.11
CA LYS A 173 10.73 -8.60 6.11
C LYS A 173 9.22 -8.67 6.20
N THR A 174 8.70 -9.51 7.08
CA THR A 174 7.24 -9.56 7.27
C THR A 174 6.75 -8.21 7.81
N ALA A 175 5.48 -7.89 7.60
CA ALA A 175 4.96 -6.65 8.16
C ALA A 175 5.08 -6.65 9.68
N ASP A 176 5.30 -5.48 10.24
CA ASP A 176 5.16 -5.32 11.67
C ASP A 176 3.67 -5.47 12.02
N VAL A 177 3.37 -6.17 13.13
CA VAL A 177 1.98 -6.50 13.47
C VAL A 177 1.16 -5.21 13.65
N ILE A 178 1.75 -4.22 14.33
CA ILE A 178 1.09 -2.96 14.64
C ILE A 178 1.24 -1.95 13.47
N ASP A 179 2.45 -1.80 12.95
CA ASP A 179 2.77 -0.70 12.02
C ASP A 179 2.72 -1.02 10.54
N GLY A 180 2.51 -2.28 10.15
CA GLY A 180 2.55 -2.63 8.72
C GLY A 180 3.97 -2.78 8.21
N PHE A 181 4.14 -2.74 6.88
CA PHE A 181 5.46 -2.98 6.29
C PHE A 181 6.46 -1.82 6.47
N GLU A 182 7.74 -2.18 6.64
CA GLU A 182 8.81 -1.17 6.57
C GLU A 182 8.90 -0.71 5.13
N ARG A 183 8.93 0.58 4.91
CA ARG A 183 9.11 1.10 3.56
C ARG A 183 10.59 1.25 3.25
N ASN A 184 11.25 0.14 2.90
CA ASN A 184 12.67 0.17 2.57
C ASN A 184 12.88 0.67 1.14
N GLN A 185 13.23 1.94 1.02
CA GLN A 185 13.56 2.58 -0.26
C GLN A 185 12.58 2.27 -1.40
N PRO A 186 11.35 2.77 -1.27
CA PRO A 186 10.35 2.52 -2.30
C PRO A 186 10.63 3.34 -3.57
N ILE A 187 10.20 2.82 -4.71
CA ILE A 187 10.09 3.61 -5.92
C ILE A 187 8.72 4.26 -5.85
N VAL A 188 8.68 5.58 -5.96
CA VAL A 188 7.46 6.31 -5.78
C VAL A 188 7.27 7.30 -6.92
N PHE A 189 6.09 7.28 -7.53
CA PHE A 189 5.70 8.28 -8.53
C PHE A 189 4.57 9.15 -8.01
N ASN A 190 4.69 10.45 -8.24
CA ASN A 190 3.69 11.41 -7.80
C ASN A 190 2.58 11.54 -8.84
N PHE A 191 1.43 10.96 -8.53
CA PHE A 191 0.26 11.09 -9.37
C PHE A 191 -0.43 12.42 -9.08
N GLY A 192 -0.66 12.71 -7.80
CA GLY A 192 -1.11 14.03 -7.34
C GLY A 192 -2.59 14.17 -7.01
N HIS A 193 -3.32 13.05 -6.96
CA HIS A 193 -4.77 13.08 -6.78
C HIS A 193 -5.19 11.83 -6.05
N THR A 194 -6.32 11.91 -5.35
CA THR A 194 -6.78 10.78 -4.54
C THR A 194 -7.56 9.74 -5.32
N SER A 195 -7.96 10.04 -6.56
CA SER A 195 -8.57 9.05 -7.42
CA SER A 195 -8.61 9.07 -7.43
C SER A 195 -8.00 9.08 -8.83
N PRO A 196 -7.96 7.91 -9.50
CA PRO A 196 -7.46 7.92 -10.87
C PRO A 196 -8.27 8.79 -11.84
N SER A 197 -9.56 8.95 -11.58
CA SER A 197 -10.45 9.70 -12.48
C SER A 197 -10.12 11.17 -12.57
N ALA A 198 -9.37 11.72 -11.62
CA ALA A 198 -8.91 13.11 -11.73
C ALA A 198 -8.13 13.32 -13.03
N ASN A 199 -7.36 12.30 -13.44
CA ASN A 199 -6.57 12.36 -14.68
C ASN A 199 -6.16 10.95 -15.09
N LEU A 200 -7.08 10.27 -15.77
CA LEU A 200 -6.95 8.84 -16.00
C LEU A 200 -5.77 8.50 -16.92
N SER A 201 -5.49 9.35 -17.91
CA SER A 201 -4.39 9.07 -18.83
C SER A 201 -2.99 9.25 -18.19
N LEU A 202 -2.86 10.20 -17.26
CA LEU A 202 -1.63 10.30 -16.46
C LEU A 202 -1.43 9.06 -15.58
N TYR A 203 -2.51 8.59 -14.96
CA TYR A 203 -2.49 7.41 -14.09
C TYR A 203 -1.95 6.20 -14.83
N GLU A 204 -2.50 5.99 -16.02
CA GLU A 204 -2.11 4.89 -16.88
C GLU A 204 -0.66 5.04 -17.32
N ALA A 205 -0.28 6.24 -17.76
CA ALA A 205 1.13 6.53 -18.06
C ALA A 205 2.04 6.20 -16.86
N LEU A 206 1.64 6.59 -15.66
CA LEU A 206 2.46 6.30 -14.47
C LEU A 206 2.65 4.81 -14.19
N PHE A 207 1.59 4.00 -14.25
CA PHE A 207 1.82 2.60 -13.93
C PHE A 207 2.56 1.87 -15.06
N LYS A 208 2.48 2.38 -16.28
CA LYS A 208 3.33 1.92 -17.38
C LYS A 208 4.81 2.24 -17.13
N GLU A 209 5.12 3.44 -16.64
CA GLU A 209 6.51 3.78 -16.30
C GLU A 209 7.01 2.98 -15.07
N MET A 210 6.14 2.77 -14.10
CA MET A 210 6.45 1.91 -12.96
C MET A 210 6.82 0.52 -13.44
N ALA A 211 5.94 -0.09 -14.23
CA ALA A 211 6.18 -1.42 -14.80
C ALA A 211 7.50 -1.50 -15.56
N THR A 212 7.80 -0.46 -16.33
CA THR A 212 9.03 -0.43 -17.13
C THR A 212 10.26 -0.34 -16.24
N THR A 213 10.18 0.51 -15.22
CA THR A 213 11.28 0.69 -14.28
C THR A 213 11.55 -0.60 -13.53
N LEU A 214 10.48 -1.24 -13.03
CA LEU A 214 10.63 -2.50 -12.30
C LEU A 214 11.25 -3.61 -13.16
N ASN A 215 10.84 -3.74 -14.42
CA ASN A 215 11.41 -4.75 -15.31
C ASN A 215 12.91 -4.59 -15.55
N ALA A 216 13.38 -3.35 -15.58
CA ALA A 216 14.81 -3.08 -15.79
C ALA A 216 15.60 -3.28 -14.49
N GLN A 217 14.98 -2.95 -13.36
CA GLN A 217 15.63 -3.13 -12.07
C GLN A 217 15.74 -4.59 -11.63
N ILE A 218 14.72 -5.39 -11.90
CA ILE A 218 14.77 -6.81 -11.55
C ILE A 218 15.82 -7.56 -12.38
N GLN A 219 16.23 -6.99 -13.51
CA GLN A 219 17.33 -7.56 -14.29
C GLN A 219 18.67 -7.51 -13.55
N GLU A 220 18.79 -6.58 -12.60
CA GLU A 220 20.01 -6.35 -11.83
CA GLU A 220 20.03 -6.39 -11.83
C GLU A 220 19.92 -6.95 -10.42
N ASN A 221 18.84 -7.67 -10.13
CA ASN A 221 18.64 -8.29 -8.82
C ASN A 221 17.78 -9.56 -8.97
N ASP A 222 18.45 -10.71 -8.99
CA ASP A 222 17.80 -12.01 -9.23
C ASP A 222 16.75 -12.41 -8.20
N GLU A 223 16.91 -11.95 -6.97
CA GLU A 223 16.01 -12.35 -5.88
CA GLU A 223 16.01 -12.33 -5.87
C GLU A 223 14.69 -11.59 -6.03
N ALA A 224 14.78 -10.32 -6.40
CA ALA A 224 13.62 -9.53 -6.73
C ALA A 224 12.89 -10.17 -7.92
N LYS A 225 13.66 -10.59 -8.93
CA LYS A 225 13.10 -11.16 -10.15
C LYS A 225 12.27 -12.40 -9.91
N ILE A 226 12.81 -13.36 -9.15
CA ILE A 226 12.09 -14.61 -8.82
C ILE A 226 11.05 -14.41 -7.71
N GLY A 227 11.22 -13.39 -6.86
CA GLY A 227 10.20 -13.01 -5.88
C GLY A 227 8.84 -12.71 -6.53
N GLY A 228 8.87 -12.15 -7.72
CA GLY A 228 7.64 -11.81 -8.43
C GLY A 228 7.03 -10.55 -7.90
N MET A 229 5.73 -10.38 -8.14
CA MET A 229 5.02 -9.15 -7.83
C MET A 229 3.64 -9.44 -7.31
N ILE A 230 3.27 -8.72 -6.25
CA ILE A 230 1.92 -8.70 -5.77
C ILE A 230 1.45 -7.27 -5.94
N ILE A 231 0.42 -7.11 -6.76
CA ILE A 231 -0.05 -5.81 -7.22
C ILE A 231 -1.44 -5.51 -6.67
N ASN A 232 -1.51 -4.48 -5.85
CA ASN A 232 -2.76 -4.06 -5.23
C ASN A 232 -3.38 -2.93 -6.06
N THR A 233 -4.63 -3.10 -6.52
CA THR A 233 -5.36 -2.03 -7.18
C THR A 233 -6.37 -1.35 -6.25
N CYS A 234 -6.91 -0.23 -6.72
CA CYS A 234 -7.98 0.44 -5.99
C CYS A 234 -9.33 -0.23 -6.29
N GLY A 235 -10.33 0.11 -5.50
CA GLY A 235 -11.66 -0.47 -5.66
C GLY A 235 -12.49 0.06 -6.81
N TRP A 236 -11.91 0.85 -7.70
CA TRP A 236 -12.70 1.37 -8.82
C TRP A 236 -12.78 0.33 -9.92
N VAL A 237 -13.90 -0.40 -9.97
CA VAL A 237 -14.05 -1.50 -10.90
C VAL A 237 -15.03 -1.21 -12.03
N ASP A 238 -15.88 -0.20 -11.85
CA ASP A 238 -16.88 0.17 -12.86
C ASP A 238 -16.37 1.17 -13.89
N GLY A 239 -17.05 1.21 -15.03
CA GLY A 239 -16.75 2.17 -16.08
C GLY A 239 -15.28 2.19 -16.43
N GLU A 240 -14.67 3.36 -16.27
CA GLU A 240 -13.27 3.57 -16.66
CA GLU A 240 -13.27 3.56 -16.66
C GLU A 240 -12.30 2.90 -15.69
N GLY A 241 -12.79 2.47 -14.54
CA GLY A 241 -11.99 1.72 -13.58
C GLY A 241 -11.73 0.33 -14.11
N TYR A 242 -12.70 -0.23 -14.83
CA TYR A 242 -12.53 -1.54 -15.45
C TYR A 242 -11.36 -1.55 -16.44
N LYS A 243 -11.28 -0.54 -17.28
CA LYS A 243 -10.18 -0.47 -18.25
C LYS A 243 -8.82 -0.27 -17.60
N CYS A 244 -8.79 0.41 -16.43
CA CYS A 244 -7.55 0.51 -15.67
C CYS A 244 -7.04 -0.88 -15.33
N ILE A 245 -7.95 -1.74 -14.88
CA ILE A 245 -7.65 -3.12 -14.50
C ILE A 245 -7.03 -3.91 -15.66
N VAL A 246 -7.65 -3.81 -16.84
CA VAL A 246 -7.18 -4.52 -18.04
C VAL A 246 -5.80 -4.02 -18.47
N LYS A 247 -5.62 -2.71 -18.44
CA LYS A 247 -4.34 -2.09 -18.78
C LYS A 247 -3.25 -2.33 -17.72
N ALA A 248 -3.63 -2.42 -16.45
CA ALA A 248 -2.68 -2.83 -15.40
C ALA A 248 -2.22 -4.27 -15.62
N ALA A 249 -3.18 -5.17 -15.88
CA ALA A 249 -2.87 -6.59 -16.19
C ALA A 249 -1.88 -6.69 -17.35
N SER A 250 -2.16 -5.96 -18.42
CA SER A 250 -1.27 -5.89 -19.59
C SER A 250 0.11 -5.28 -19.28
N ALA A 251 0.15 -4.09 -18.69
CA ALA A 251 1.41 -3.37 -18.44
C ALA A 251 2.41 -4.12 -17.54
N PHE A 252 1.90 -4.81 -16.52
CA PHE A 252 2.73 -5.60 -15.59
C PHE A 252 2.87 -7.07 -16.01
N GLU A 253 2.24 -7.43 -17.14
CA GLU A 253 2.31 -8.78 -17.69
C GLU A 253 2.00 -9.81 -16.61
N VAL A 254 0.86 -9.64 -15.96
CA VAL A 254 0.49 -10.51 -14.86
C VAL A 254 0.15 -11.92 -15.35
N ASP A 255 0.47 -12.90 -14.51
CA ASP A 255 0.19 -14.31 -14.75
C ASP A 255 -1.12 -14.69 -14.12
N VAL A 256 -1.48 -14.00 -13.04
CA VAL A 256 -2.61 -14.37 -12.22
C VAL A 256 -3.41 -13.13 -11.82
N VAL A 257 -4.74 -13.21 -11.98
CA VAL A 257 -5.66 -12.21 -11.44
C VAL A 257 -6.56 -12.86 -10.41
N ILE A 258 -6.56 -12.28 -9.22
CA ILE A 258 -7.45 -12.69 -8.13
C ILE A 258 -8.55 -11.64 -8.02
N VAL A 259 -9.78 -12.06 -8.26
CA VAL A 259 -10.94 -11.20 -8.11
C VAL A 259 -11.61 -11.55 -6.78
N LEU A 260 -11.76 -10.54 -5.94
CA LEU A 260 -12.41 -10.69 -4.64
CA LEU A 260 -12.40 -10.67 -4.64
C LEU A 260 -13.83 -10.12 -4.67
N ASP A 261 -14.80 -11.02 -4.57
CA ASP A 261 -16.20 -10.65 -4.36
C ASP A 261 -16.76 -9.73 -5.42
N HIS A 262 -16.61 -10.13 -6.69
CA HIS A 262 -17.29 -9.47 -7.77
C HIS A 262 -17.39 -10.45 -8.96
N GLU A 263 -18.51 -11.18 -9.03
CA GLU A 263 -18.63 -12.23 -10.01
CA GLU A 263 -18.67 -12.24 -10.03
C GLU A 263 -18.79 -11.70 -11.45
N ARG A 264 -19.40 -10.52 -11.61
CA ARG A 264 -19.49 -9.88 -12.92
C ARG A 264 -18.11 -9.45 -13.43
N LEU A 265 -17.32 -8.80 -12.58
CA LEU A 265 -15.93 -8.43 -12.92
C LEU A 265 -15.12 -9.66 -13.35
N TYR A 266 -15.22 -10.72 -12.55
CA TYR A 266 -14.68 -12.01 -12.88
C TYR A 266 -15.10 -12.48 -14.27
N SER A 267 -16.40 -12.46 -14.55
CA SER A 267 -16.91 -12.95 -15.83
CA SER A 267 -16.95 -12.93 -15.83
C SER A 267 -16.39 -12.13 -17.00
N ASP A 268 -16.41 -10.80 -16.87
CA ASP A 268 -15.90 -9.91 -17.92
C ASP A 268 -14.39 -10.12 -18.12
N LEU A 269 -13.63 -10.16 -17.03
CA LEU A 269 -12.19 -10.38 -17.16
C LEU A 269 -11.89 -11.74 -17.81
N SER A 270 -12.66 -12.77 -17.48
CA SER A 270 -12.48 -14.10 -18.06
C SER A 270 -12.56 -14.05 -19.58
N LYS A 271 -13.47 -13.25 -20.11
CA LYS A 271 -13.67 -13.15 -21.56
C LYS A 271 -12.62 -12.27 -22.26
N GLU A 272 -11.96 -11.36 -21.53
CA GLU A 272 -11.09 -10.38 -22.17
C GLU A 272 -9.59 -10.63 -21.99
N LEU A 273 -9.19 -11.14 -20.83
CA LEU A 273 -7.77 -11.29 -20.55
C LEU A 273 -7.15 -12.32 -21.48
N PRO A 274 -5.83 -12.20 -21.77
CA PRO A 274 -5.21 -13.22 -22.59
C PRO A 274 -5.38 -14.61 -21.98
N GLU A 275 -5.34 -15.62 -22.83
CA GLU A 275 -5.66 -16.99 -22.44
C GLU A 275 -4.69 -17.55 -21.39
N PHE A 276 -3.44 -17.09 -21.43
CA PHE A 276 -2.43 -17.57 -20.48
C PHE A 276 -2.64 -17.04 -19.04
N VAL A 277 -3.47 -16.02 -18.87
CA VAL A 277 -3.68 -15.46 -17.54
C VAL A 277 -4.65 -16.33 -16.75
N ARG A 278 -4.20 -16.79 -15.58
CA ARG A 278 -5.04 -17.57 -14.69
C ARG A 278 -5.87 -16.65 -13.78
N LEU A 279 -7.19 -16.84 -13.79
CA LEU A 279 -8.12 -16.01 -13.05
CA LEU A 279 -8.10 -16.00 -13.03
C LEU A 279 -8.81 -16.82 -11.97
N THR A 280 -8.81 -16.31 -10.75
CA THR A 280 -9.42 -17.00 -9.63
C THR A 280 -10.37 -16.07 -8.89
N HIS A 281 -11.61 -16.50 -8.72
CA HIS A 281 -12.57 -15.79 -7.94
C HIS A 281 -12.57 -16.35 -6.53
N VAL A 282 -12.39 -15.45 -5.56
CA VAL A 282 -12.42 -15.80 -4.15
C VAL A 282 -13.35 -14.85 -3.41
N PRO A 283 -13.97 -15.33 -2.33
CA PRO A 283 -14.85 -14.47 -1.55
C PRO A 283 -14.05 -13.53 -0.63
N LYS A 284 -14.67 -12.41 -0.25
CA LYS A 284 -14.11 -11.58 0.80
C LYS A 284 -14.38 -12.25 2.15
N SER A 285 -13.54 -11.93 3.13
CA SER A 285 -13.71 -12.40 4.49
C SER A 285 -14.87 -11.67 5.14
N GLY A 286 -15.61 -12.37 5.97
CA GLY A 286 -16.66 -11.76 6.78
C GLY A 286 -16.15 -10.73 7.77
N GLY A 287 -14.85 -10.70 8.04
CA GLY A 287 -14.26 -9.68 8.91
C GLY A 287 -13.98 -8.34 8.26
N VAL A 288 -14.05 -8.28 6.92
CA VAL A 288 -13.77 -7.03 6.23
C VAL A 288 -14.85 -6.06 6.65
N GLU A 289 -14.47 -4.81 6.87
CA GLU A 289 -15.43 -3.80 7.31
C GLU A 289 -15.55 -2.65 6.32
N GLN A 290 -16.78 -2.23 6.06
CA GLN A 290 -17.07 -1.12 5.16
C GLN A 290 -16.60 0.18 5.83
N ARG A 291 -16.02 1.07 5.05
CA ARG A 291 -15.53 2.34 5.56
C ARG A 291 -16.17 3.47 4.77
N THR A 292 -16.75 4.43 5.47
CA THR A 292 -17.36 5.59 4.86
C THR A 292 -16.30 6.53 4.30
N GLY A 293 -16.74 7.49 3.48
CA GLY A 293 -15.82 8.47 2.90
C GLY A 293 -15.16 9.35 3.94
N GLN A 294 -15.83 9.53 5.08
CA GLN A 294 -15.31 10.33 6.18
C GLN A 294 -14.14 9.61 6.84
N ILE A 295 -14.33 8.32 7.09
CA ILE A 295 -13.28 7.48 7.66
C ILE A 295 -12.06 7.34 6.73
N ARG A 296 -12.34 7.18 5.44
CA ARG A 296 -11.30 7.11 4.42
C ARG A 296 -10.46 8.39 4.32
N SER A 297 -11.12 9.54 4.43
CA SER A 297 -10.42 10.82 4.43
CA SER A 297 -10.42 10.83 4.44
C SER A 297 -9.55 10.95 5.69
N LYS A 298 -10.07 10.49 6.82
CA LYS A 298 -9.31 10.53 8.05
C LYS A 298 -8.08 9.66 7.92
N MET A 299 -8.25 8.48 7.34
CA MET A 299 -7.10 7.59 7.11
C MET A 299 -6.08 8.18 6.12
N ARG A 300 -6.53 8.93 5.11
CA ARG A 300 -5.59 9.62 4.21
C ARG A 300 -4.75 10.65 4.98
N GLY A 301 -5.40 11.39 5.88
CA GLY A 301 -4.70 12.34 6.76
C GLY A 301 -3.66 11.68 7.67
N GLU A 302 -4.01 10.52 8.22
CA GLU A 302 -3.13 9.80 9.12
C GLU A 302 -1.98 9.16 8.34
N ASN A 303 -2.24 8.76 7.11
CA ASN A 303 -1.17 8.31 6.23
C ASN A 303 -0.13 9.43 6.02
N VAL A 304 -0.59 10.63 5.64
CA VAL A 304 0.30 11.80 5.48
C VAL A 304 1.04 12.15 6.77
N HIS A 305 0.32 12.10 7.90
CA HIS A 305 0.94 12.36 9.19
C HIS A 305 2.07 11.38 9.46
N ARG A 306 1.80 10.11 9.21
CA ARG A 306 2.77 9.06 9.44
C ARG A 306 4.03 9.23 8.58
N TYR A 307 3.84 9.64 7.32
CA TYR A 307 4.96 9.88 6.42
C TYR A 307 6.01 10.82 7.02
N PHE A 308 5.56 11.85 7.72
CA PHE A 308 6.47 12.84 8.28
C PHE A 308 6.92 12.48 9.70
N TYR A 309 6.00 11.94 10.50
CA TYR A 309 6.24 11.75 11.94
C TYR A 309 6.44 10.30 12.36
N GLY A 310 6.17 9.37 11.45
CA GLY A 310 6.34 7.94 11.72
C GLY A 310 5.22 7.37 12.56
N THR A 311 5.56 6.49 13.48
CA THR A 311 4.58 5.81 14.33
C THR A 311 4.94 5.96 15.79
N ARG A 312 4.01 5.53 16.65
CA ARG A 312 4.25 5.34 18.07
C ARG A 312 5.48 4.48 18.34
N ALA A 313 5.57 3.35 17.65
CA ALA A 313 6.72 2.45 17.78
C ALA A 313 8.00 3.08 17.23
N ASN A 314 7.96 3.55 15.98
CA ASN A 314 9.13 4.17 15.32
C ASN A 314 8.89 5.63 14.93
N ASN A 315 9.21 6.54 15.86
CA ASN A 315 9.05 7.96 15.60
C ASN A 315 10.03 8.43 14.54
N LEU A 316 9.54 9.29 13.64
CA LEU A 316 10.42 10.02 12.72
C LEU A 316 10.39 11.46 13.19
N TYR A 317 11.46 12.20 12.88
CA TYR A 317 11.66 13.55 13.43
C TYR A 317 11.91 14.52 12.28
N PRO A 318 10.82 15.07 11.71
CA PRO A 318 10.90 15.89 10.52
C PRO A 318 11.34 17.31 10.86
N PHE A 319 11.91 17.99 9.87
CA PHE A 319 12.42 19.34 10.05
C PHE A 319 11.44 20.32 9.44
N THR A 320 11.29 21.45 10.10
CA THR A 320 10.56 22.58 9.56
C THR A 320 11.60 23.68 9.32
N PHE A 321 11.64 24.21 8.10
CA PHE A 321 12.51 25.34 7.79
C PHE A 321 11.96 26.14 6.62
N ASP A 322 12.61 27.26 6.34
CA ASP A 322 12.18 28.16 5.28
C ASP A 322 12.98 27.91 4.01
N VAL A 323 12.32 28.05 2.87
CA VAL A 323 12.96 27.93 1.56
C VAL A 323 12.65 29.17 0.74
N SER A 324 13.67 29.77 0.13
CA SER A 324 13.47 30.92 -0.75
CA SER A 324 13.46 30.93 -0.74
C SER A 324 12.94 30.42 -2.08
N PHE A 325 11.99 31.15 -2.66
CA PHE A 325 11.44 30.80 -3.98
C PHE A 325 12.47 30.93 -5.10
N ASP A 326 13.57 31.62 -4.83
CA ASP A 326 14.67 31.75 -5.78
C ASP A 326 15.59 30.53 -5.77
N ASP A 327 15.33 29.59 -4.86
CA ASP A 327 16.13 28.38 -4.76
C ASP A 327 15.40 27.13 -5.24
N VAL A 328 14.12 27.27 -5.62
CA VAL A 328 13.31 26.15 -6.13
C VAL A 328 12.42 26.55 -7.30
N THR A 329 12.07 25.57 -8.12
CA THR A 329 11.04 25.74 -9.15
C THR A 329 9.82 24.89 -8.83
N LEU A 330 8.69 25.54 -8.55
CA LEU A 330 7.41 24.85 -8.34
C LEU A 330 6.74 24.58 -9.67
N CYS A 331 6.28 23.35 -9.88
CA CYS A 331 5.59 22.98 -11.11
C CYS A 331 4.43 22.02 -10.86
N LYS A 332 3.58 21.86 -11.88
CA LYS A 332 2.30 21.19 -11.73
C LYS A 332 1.97 20.44 -13.01
N ILE A 333 1.68 19.14 -12.88
CA ILE A 333 1.26 18.32 -14.01
C ILE A 333 -0.23 18.52 -14.27
N GLY A 334 -0.58 18.76 -15.53
CA GLY A 334 -1.96 19.07 -15.90
C GLY A 334 -2.30 20.50 -15.59
N THR A 354 -1.68 15.73 -21.21
CA THR A 354 -1.50 16.70 -20.13
C THR A 354 -0.01 16.82 -19.73
N LYS A 355 0.46 18.06 -19.56
CA LYS A 355 1.89 18.40 -19.57
C LYS A 355 2.34 19.19 -18.33
N LEU A 356 3.60 19.65 -18.33
CA LEU A 356 4.18 20.40 -17.21
C LEU A 356 3.95 21.92 -17.31
N VAL A 357 3.63 22.53 -16.17
CA VAL A 357 3.36 23.96 -16.06
C VAL A 357 4.11 24.51 -14.86
N ILE A 358 4.83 25.62 -15.05
CA ILE A 358 5.60 26.23 -13.96
C ILE A 358 4.71 27.14 -13.11
N MET A 359 4.62 26.84 -11.81
CA MET A 359 3.77 27.59 -10.89
C MET A 359 4.48 28.78 -10.30
N GLU A 360 3.73 29.86 -10.11
CA GLU A 360 4.23 31.02 -9.40
C GLU A 360 3.83 30.83 -7.94
N PRO A 361 4.78 31.04 -7.00
CA PRO A 361 4.43 30.86 -5.60
C PRO A 361 3.18 31.67 -5.23
N SER A 362 2.18 30.99 -4.69
CA SER A 362 0.86 31.56 -4.47
C SER A 362 0.38 31.19 -3.08
N ALA A 363 -0.68 31.85 -2.61
CA ALA A 363 -1.24 31.56 -1.30
C ALA A 363 -1.86 30.17 -1.29
N ASP A 364 -2.26 29.69 -2.46
CA ASP A 364 -3.02 28.44 -2.61
C ASP A 364 -2.17 27.18 -2.61
N ILE A 365 -0.84 27.31 -2.55
CA ILE A 365 0.02 26.14 -2.35
C ILE A 365 0.08 25.71 -0.88
N LYS A 366 -0.40 26.59 0.01
CA LYS A 366 -0.38 26.34 1.45
C LYS A 366 -1.15 25.05 1.82
N HIS A 367 -0.52 24.21 2.65
CA HIS A 367 -1.05 22.92 3.10
C HIS A 367 -0.94 21.79 2.07
N HIS A 368 -0.41 22.10 0.89
CA HIS A 368 -0.25 21.07 -0.15
C HIS A 368 1.05 20.32 0.04
N LEU A 369 1.01 19.04 -0.33
CA LEU A 369 2.22 18.27 -0.53
C LEU A 369 2.90 18.67 -1.85
N PHE A 370 4.23 18.68 -1.85
CA PHE A 370 5.00 18.77 -3.07
C PHE A 370 6.01 17.63 -3.09
N ALA A 371 6.16 16.97 -4.22
CA ALA A 371 7.15 15.91 -4.38
C ALA A 371 8.46 16.53 -4.82
N PHE A 372 9.57 16.06 -4.27
CA PHE A 372 10.89 16.40 -4.80
C PHE A 372 11.20 15.50 -5.97
N SER A 373 11.19 16.06 -7.18
CA SER A 373 11.41 15.24 -8.38
C SER A 373 12.86 14.81 -8.50
N ARG A 374 13.08 13.61 -9.02
CA ARG A 374 14.44 13.15 -9.31
C ARG A 374 14.99 13.77 -10.59
N SER A 375 14.10 14.36 -11.39
CA SER A 375 14.50 15.15 -12.56
C SER A 375 15.20 16.42 -12.12
N THR A 376 16.36 16.71 -12.71
CA THR A 376 17.17 17.87 -12.29
C THR A 376 16.61 19.17 -12.86
N LYS A 377 16.02 19.09 -14.05
CA LYS A 377 15.33 20.23 -14.67
C LYS A 377 13.81 20.05 -14.60
N ALA A 378 13.08 21.17 -14.64
CA ALA A 378 11.61 21.15 -14.67
C ALA A 378 11.11 21.07 -16.11
N ASP A 379 11.32 19.92 -16.75
CA ASP A 379 10.95 19.73 -18.17
C ASP A 379 10.11 18.46 -18.37
N GLU A 380 10.12 17.90 -19.57
CA GLU A 380 9.37 16.67 -19.89
C GLU A 380 9.78 15.49 -19.01
N ASN A 381 11.00 15.52 -18.48
CA ASN A 381 11.50 14.44 -17.64
C ASN A 381 10.68 14.29 -16.36
N VAL A 382 10.13 15.39 -15.86
CA VAL A 382 9.41 15.41 -14.57
C VAL A 382 8.20 14.46 -14.55
N LEU A 383 7.46 14.44 -15.65
CA LEU A 383 6.23 13.64 -15.79
C LEU A 383 6.44 12.18 -15.39
N LYS A 384 7.42 11.51 -16.00
CA LYS A 384 7.70 10.09 -15.76
C LYS A 384 9.00 9.83 -14.96
N SER A 385 9.43 10.81 -14.15
CA SER A 385 10.52 10.59 -13.21
C SER A 385 9.94 10.21 -11.84
N PRO A 386 10.54 9.21 -11.18
CA PRO A 386 10.16 8.99 -9.77
C PRO A 386 10.56 10.18 -8.92
N VAL A 387 10.20 10.15 -7.65
CA VAL A 387 10.46 11.26 -6.75
C VAL A 387 11.31 10.80 -5.56
N PHE A 388 12.03 11.74 -4.96
CA PHE A 388 12.86 11.48 -3.79
C PHE A 388 11.99 11.29 -2.55
N GLY A 389 10.89 12.02 -2.49
CA GLY A 389 10.05 12.09 -1.31
C GLY A 389 9.19 13.33 -1.40
N PHE A 390 8.61 13.73 -0.26
CA PHE A 390 7.65 14.83 -0.21
C PHE A 390 7.99 15.80 0.90
N CYS A 391 7.38 16.98 0.80
CA CYS A 391 7.34 17.97 1.86
C CYS A 391 5.92 18.53 1.90
N LEU A 392 5.59 19.20 3.00
CA LEU A 392 4.29 19.83 3.22
C LEU A 392 4.55 21.33 3.39
N VAL A 393 3.89 22.15 2.58
CA VAL A 393 3.98 23.59 2.71
C VAL A 393 3.08 24.04 3.85
N THR A 394 3.68 24.54 4.93
CA THR A 394 2.93 24.94 6.13
C THR A 394 2.61 26.45 6.16
N GLU A 395 3.51 27.29 5.68
CA GLU A 395 3.26 28.74 5.58
C GLU A 395 3.76 29.24 4.23
N VAL A 396 3.22 30.37 3.79
CA VAL A 396 3.73 31.06 2.59
C VAL A 396 3.88 32.55 2.88
N ASP A 397 5.13 33.03 2.88
CA ASP A 397 5.40 34.45 3.04
C ASP A 397 5.74 35.08 1.70
N LEU A 398 4.80 35.83 1.16
CA LEU A 398 4.89 36.34 -0.20
C LEU A 398 5.88 37.50 -0.30
N GLU A 399 5.83 38.44 0.63
CA GLU A 399 6.78 39.56 0.61
C GLU A 399 8.25 39.07 0.74
N LYS A 400 8.54 38.22 1.71
CA LYS A 400 9.88 37.69 1.92
C LYS A 400 10.25 36.66 0.84
N ARG A 401 9.28 36.26 0.03
CA ARG A 401 9.47 35.26 -1.00
C ARG A 401 10.03 33.96 -0.41
N THR A 402 9.44 33.53 0.70
CA THR A 402 9.81 32.26 1.35
C THR A 402 8.57 31.42 1.65
N MET A 403 8.76 30.11 1.69
CA MET A 403 7.75 29.22 2.24
C MET A 403 8.35 28.39 3.36
N SER A 404 7.53 28.05 4.34
CA SER A 404 7.93 27.13 5.39
C SER A 404 7.50 25.75 4.93
N ILE A 405 8.40 24.79 5.00
CA ILE A 405 8.06 23.41 4.67
C ILE A 405 8.38 22.43 5.80
N LEU A 406 7.53 21.40 5.94
CA LEU A 406 7.87 20.25 6.77
C LEU A 406 8.56 19.26 5.86
N CYS A 407 9.71 18.75 6.28
CA CYS A 407 10.55 17.92 5.41
C CYS A 407 11.22 16.79 6.19
N PRO A 408 11.21 15.55 5.63
CA PRO A 408 11.84 14.43 6.34
C PRO A 408 13.35 14.60 6.53
N GLN A 409 13.99 15.40 5.68
CA GLN A 409 15.41 15.69 5.83
C GLN A 409 15.72 17.19 5.95
N ARG A 410 16.97 17.45 6.33
CA ARG A 410 17.45 18.76 6.71
C ARG A 410 17.49 19.77 5.56
N THR A 411 17.87 19.31 4.38
CA THR A 411 17.87 20.14 3.17
C THR A 411 17.08 19.43 2.09
N ILE A 412 16.54 20.21 1.15
CA ILE A 412 15.73 19.65 0.08
C ILE A 412 16.59 18.72 -0.77
N PRO A 413 16.05 17.54 -1.13
CA PRO A 413 16.80 16.62 -1.99
C PRO A 413 16.77 17.00 -3.48
N SER A 414 15.94 17.97 -3.85
N SER A 414 15.93 17.95 -3.85
CA SER A 414 15.86 18.43 -5.22
CA SER A 414 15.91 18.45 -5.23
C SER A 414 15.25 19.83 -5.26
C SER A 414 15.29 19.84 -5.25
N LYS A 415 15.69 20.63 -6.23
CA LYS A 415 15.17 21.99 -6.41
C LYS A 415 13.91 22.04 -7.30
N VAL A 416 13.44 20.88 -7.76
CA VAL A 416 12.24 20.78 -8.60
C VAL A 416 11.12 20.15 -7.77
N LEU A 417 10.18 20.98 -7.32
CA LEU A 417 9.11 20.55 -6.43
C LEU A 417 7.81 20.41 -7.20
N VAL A 418 7.24 19.21 -7.22
CA VAL A 418 6.06 18.94 -8.04
C VAL A 418 4.77 18.93 -7.21
N PHE A 419 3.80 19.72 -7.64
CA PHE A 419 2.55 19.91 -6.92
C PHE A 419 1.76 18.63 -6.79
N SER A 420 1.20 18.41 -5.60
CA SER A 420 0.16 17.42 -5.41
C SER A 420 -1.10 18.13 -4.90
N ASP A 421 -2.25 17.64 -5.32
CA ASP A 421 -3.51 18.22 -4.85
C ASP A 421 -3.89 17.72 -3.45
N ILE A 422 -3.11 16.81 -2.89
CA ILE A 422 -3.35 16.32 -1.54
C ILE A 422 -2.94 17.41 -0.54
N THR A 423 -3.86 17.78 0.33
CA THR A 423 -3.60 18.76 1.36
C THR A 423 -3.64 18.11 2.75
N HIS A 424 -3.06 18.79 3.71
CA HIS A 424 -3.01 18.31 5.08
C HIS A 424 -2.82 19.46 6.05
N LEU A 425 -3.80 19.65 6.93
CA LEU A 425 -3.69 20.59 8.02
C LEU A 425 -3.03 19.85 9.18
N ASP A 426 -2.06 20.50 9.83
CA ASP A 426 -1.23 19.85 10.84
C ASP A 426 -1.45 20.49 12.21
PB ADP C . -9.70 -2.96 0.22
O1B ADP C . -10.34 -3.98 -0.70
O2B ADP C . -8.18 -2.97 0.14
O3B ADP C . -10.30 -1.60 0.02
PA ADP C . -8.94 -3.58 2.90
O1A ADP C . -8.29 -2.25 3.23
O2A ADP C . -8.05 -4.76 2.63
O3A ADP C . -10.03 -3.38 1.73
O5' ADP C . -9.83 -3.97 4.16
C5' ADP C . -10.87 -3.10 4.56
C4' ADP C . -10.89 -3.00 6.08
O4' ADP C . -11.25 -4.26 6.68
C3' ADP C . -9.53 -2.66 6.64
O3' ADP C . -9.74 -1.62 7.60
C2' ADP C . -9.00 -3.92 7.29
O2' ADP C . -8.24 -3.68 8.48
C1' ADP C . -10.27 -4.66 7.64
N9 ADP C . -10.16 -6.11 7.53
C8 ADP C . -9.84 -6.81 6.42
N7 ADP C . -9.88 -8.14 6.66
C5 ADP C . -10.22 -8.30 7.95
C6 ADP C . -10.44 -9.43 8.84
N6 ADP C . -10.28 -10.69 8.40
N1 ADP C . -10.80 -9.16 10.11
C2 ADP C . -10.97 -7.91 10.58
N3 ADP C . -10.78 -6.83 9.81
C4 ADP C . -10.42 -6.96 8.51
MG MG D . -7.08 -1.50 -0.62
AL ALF E . -10.07 0.03 -1.12
F1 ALF E . -9.39 0.92 0.25
F2 ALF E . -10.76 -0.88 -2.50
F3 ALF E . -11.71 0.65 -0.76
F4 ALF E . -8.44 -0.63 -1.46
N SAR F . -20.40 -10.38 14.21
CA SAR F . -21.27 -11.28 14.97
C SAR F . -20.89 -11.44 16.43
O SAR F . -20.65 -12.56 16.89
CN SAR F . -20.28 -8.96 14.54
OXT SAR F . -20.82 -10.49 17.21
N SAR G . 16.08 4.71 -7.27
CA SAR G . 16.60 3.54 -6.57
C SAR G . 16.47 3.61 -5.05
O SAR G . 17.42 3.91 -4.33
CN SAR G . 15.22 4.56 -8.45
OXT SAR G . 15.40 3.34 -4.48
O1 2PE H . 4.93 -25.89 3.18
C2 2PE H . 5.93 -24.88 3.25
C3 2PE H . 5.70 -24.00 4.48
O4 2PE H . 6.77 -23.05 4.60
C5 2PE H . 6.44 -21.87 5.34
C6 2PE H . 5.78 -20.84 4.42
O7 2PE H . 4.85 -20.09 5.20
C8 2PE H . 3.64 -19.75 4.55
C9 2PE H . 2.57 -19.51 5.61
O10 2PE H . 1.94 -20.75 5.88
C11 2PE H . 1.00 -20.72 6.94
C12 2PE H . 1.52 -21.61 8.06
O13 2PE H . 1.27 -22.96 7.72
#